data_2C7R
#
_entry.id   2C7R
#
_cell.length_a   95.620
_cell.length_b   95.620
_cell.length_c   315.756
_cell.angle_alpha   90.00
_cell.angle_beta   90.00
_cell.angle_gamma   120.00
#
_symmetry.space_group_name_H-M   'H 3 2'
#
loop_
_entity.id
_entity.type
_entity.pdbx_description
1 polymer 'MODIFICATION METHYLASE HHAI'
2 polymer "5'-D(*G*GP*AP*TP*GP*(5CM)*GP*CP*TP*GP*AP*C)-3'"
3 polymer "5'-D(*G*TP*CP*AP*GP*(2PR)*GP*CP*AP*TP*CP*C)-3'"
4 non-polymer S-ADENOSYL-L-HOMOCYSTEINE
5 non-polymer 'SULFATE ION'
6 non-polymer GLYCEROL
7 water water
#
loop_
_entity_poly.entity_id
_entity_poly.type
_entity_poly.pdbx_seq_one_letter_code
_entity_poly.pdbx_strand_id
1 'polypeptide(L)'
;MIEIKDKQLTGLRFIDLFAGLGGFRLALESCGAECVYSNEWDKYAQEVYEMNFGEKPEGDITQVNEKTIPDHDILCAGFP
CQAFSISGKQKGFEDSRGTLFFDIARIVREKKPKVVFMENVKNFASHDNGNTLEVVKNTMNELDYSFHAKVLNALDYGIP
QKRERIYMICFRNDLNIQNFQFPKPFELNTFVKDLLLPDSEVEHLVIDRKDLVMTNQEIEQTTPKTVRLGIVGKGGQGER
IYSTRGIAIGLSAYGGGIFAKTGGYLVNGKTRKLHPRECARVMGYPDSYKVHPSTSQAYKQFGNSVVINVLQYIAYNIGS
SLNFKPY
;
A
2 'polydeoxyribonucleotide' (DG)(DG)(DA)(DT)(DG)(5CM)(DG)(DC)(DT)(DG)(DA)(DC) C
3 'polydeoxyribonucleotide' (DG)(DT)(DC)(DA)(DG)(2PR)(DG)(DC)(DA)(DT)(DC)(DC) D
#
loop_
_chem_comp.id
_chem_comp.type
_chem_comp.name
_chem_comp.formula
2PR DNA linking 2-AMINO-9-[2-DEOXYRIBOFURANOSYL]-9H-PURINE-5'-MONOPHOSPHATE 'C10 H14 N5 O6 P'
5CM DNA linking 5-METHYL-2'-DEOXY-CYTIDINE-5'-MONOPHOSPHATE 'C10 H16 N3 O7 P'
DA DNA linking 2'-DEOXYADENOSINE-5'-MONOPHOSPHATE 'C10 H14 N5 O6 P'
DC DNA linking 2'-DEOXYCYTIDINE-5'-MONOPHOSPHATE 'C9 H14 N3 O7 P'
DG DNA linking 2'-DEOXYGUANOSINE-5'-MONOPHOSPHATE 'C10 H14 N5 O7 P'
DT DNA linking THYMIDINE-5'-MONOPHOSPHATE 'C10 H15 N2 O8 P'
GOL non-polymer GLYCEROL 'C3 H8 O3'
SAH non-polymer S-ADENOSYL-L-HOMOCYSTEINE 'C14 H20 N6 O5 S'
SO4 non-polymer 'SULFATE ION' 'O4 S -2'
#
# COMPACT_ATOMS: atom_id res chain seq x y z
N MET A 1 -2.75 11.81 -3.64
CA MET A 1 -2.07 12.22 -2.38
C MET A 1 -2.41 13.67 -2.06
N ILE A 2 -2.13 14.09 -0.82
CA ILE A 2 -2.43 15.45 -0.40
C ILE A 2 -1.18 16.29 -0.28
N GLU A 3 -1.38 17.60 -0.12
CA GLU A 3 -0.28 18.52 0.05
C GLU A 3 0.04 18.62 1.54
N ILE A 4 1.32 18.66 1.87
CA ILE A 4 1.75 18.77 3.26
C ILE A 4 2.50 20.09 3.39
N LYS A 5 1.93 21.04 4.12
CA LYS A 5 2.56 22.35 4.29
C LYS A 5 3.68 22.37 5.34
N ASP A 6 3.44 21.79 6.51
CA ASP A 6 4.46 21.74 7.54
C ASP A 6 5.27 20.47 7.36
N LYS A 7 6.49 20.61 6.83
CA LYS A 7 7.36 19.46 6.60
C LYS A 7 7.94 18.87 7.88
N GLN A 8 7.14 18.06 8.57
CA GLN A 8 7.53 17.43 9.83
C GLN A 8 8.79 16.58 9.79
N LEU A 9 9.14 16.06 8.61
CA LEU A 9 10.31 15.19 8.50
C LEU A 9 11.55 15.82 7.86
N THR A 10 11.55 17.14 7.68
CA THR A 10 12.71 17.80 7.09
C THR A 10 13.97 17.43 7.87
N GLY A 11 15.04 17.14 7.14
CA GLY A 11 16.29 16.79 7.80
C GLY A 11 16.46 15.31 8.16
N LEU A 12 15.42 14.51 7.95
CA LEU A 12 15.49 13.10 8.27
C LEU A 12 15.77 12.23 7.03
N ARG A 13 16.58 11.20 7.22
CA ARG A 13 16.94 10.29 6.13
C ARG A 13 16.15 9.00 6.30
N PHE A 14 15.75 8.39 5.18
CA PHE A 14 15.03 7.14 5.25
C PHE A 14 15.44 6.22 4.12
N ILE A 15 15.17 4.92 4.28
CA ILE A 15 15.47 3.96 3.23
C ILE A 15 14.16 3.33 2.77
N ASP A 16 14.10 3.02 1.48
CA ASP A 16 12.92 2.47 0.82
C ASP A 16 13.10 0.97 0.50
N LEU A 17 12.81 0.10 1.47
CA LEU A 17 12.94 -1.34 1.25
C LEU A 17 11.68 -1.90 0.58
N PHE A 18 11.83 -2.95 -0.23
CA PHE A 18 10.69 -3.53 -0.93
C PHE A 18 10.00 -2.34 -1.59
N ALA A 19 10.81 -1.51 -2.23
CA ALA A 19 10.35 -0.27 -2.85
C ALA A 19 9.10 -0.29 -3.71
N GLY A 20 8.99 -1.26 -4.61
CA GLY A 20 7.83 -1.32 -5.48
C GLY A 20 7.75 -0.05 -6.32
N LEU A 21 6.61 0.61 -6.31
CA LEU A 21 6.42 1.86 -7.06
C LEU A 21 7.07 3.04 -6.33
N GLY A 22 7.40 2.85 -5.07
CA GLY A 22 8.03 3.91 -4.30
C GLY A 22 6.99 4.74 -3.58
N GLY A 23 5.88 4.10 -3.20
CA GLY A 23 4.83 4.80 -2.47
C GLY A 23 5.32 5.39 -1.17
N PHE A 24 6.17 4.66 -0.45
CA PHE A 24 6.70 5.19 0.80
C PHE A 24 7.55 6.42 0.54
N ARG A 25 8.28 6.40 -0.57
CA ARG A 25 9.14 7.51 -0.93
C ARG A 25 8.32 8.76 -1.22
N LEU A 26 7.22 8.62 -1.95
CA LEU A 26 6.36 9.77 -2.25
C LEU A 26 5.81 10.35 -0.94
N ALA A 27 5.29 9.48 -0.08
CA ALA A 27 4.74 9.92 1.18
C ALA A 27 5.74 10.63 2.08
N LEU A 28 6.88 9.99 2.35
CA LEU A 28 7.90 10.56 3.21
C LEU A 28 8.56 11.82 2.62
N GLU A 29 8.73 11.88 1.31
CA GLU A 29 9.32 13.06 0.70
C GLU A 29 8.36 14.26 0.79
N SER A 30 7.05 13.99 0.72
CA SER A 30 6.07 15.07 0.80
C SER A 30 6.11 15.73 2.18
N CYS A 31 6.64 15.00 3.17
CA CYS A 31 6.78 15.50 4.53
C CYS A 31 8.18 16.07 4.76
N GLY A 32 9.00 16.13 3.70
CA GLY A 32 10.32 16.69 3.82
C GLY A 32 11.52 15.77 4.03
N ALA A 33 11.29 14.46 4.16
CA ALA A 33 12.39 13.52 4.38
C ALA A 33 13.17 13.25 3.09
N GLU A 34 14.40 12.75 3.24
CA GLU A 34 15.27 12.46 2.10
C GLU A 34 15.57 10.97 2.01
N CYS A 35 15.38 10.40 0.82
CA CYS A 35 15.65 8.98 0.61
C CYS A 35 17.12 8.77 0.33
N VAL A 36 17.74 7.83 1.04
CA VAL A 36 19.17 7.57 0.87
C VAL A 36 19.49 6.15 0.38
N TYR A 37 18.47 5.32 0.20
CA TYR A 37 18.67 3.95 -0.27
C TYR A 37 17.34 3.31 -0.61
N SER A 38 17.32 2.52 -1.67
CA SER A 38 16.11 1.81 -2.08
C SER A 38 16.52 0.41 -2.49
N ASN A 39 15.62 -0.54 -2.25
CA ASN A 39 15.87 -1.94 -2.60
C ASN A 39 14.58 -2.55 -3.11
N GLU A 40 14.67 -3.23 -4.26
CA GLU A 40 13.54 -3.88 -4.92
C GLU A 40 14.15 -4.82 -5.96
N TRP A 41 13.81 -6.10 -5.91
CA TRP A 41 14.40 -7.04 -6.85
C TRP A 41 13.63 -7.33 -8.14
N ASP A 42 12.38 -6.91 -8.22
CA ASP A 42 11.62 -7.15 -9.43
C ASP A 42 12.06 -6.22 -10.56
N LYS A 43 12.41 -6.81 -11.71
CA LYS A 43 12.87 -6.06 -12.87
C LYS A 43 11.96 -4.91 -13.31
N TYR A 44 10.68 -5.22 -13.48
CA TYR A 44 9.71 -4.22 -13.91
C TYR A 44 9.43 -3.17 -12.85
N ALA A 45 9.50 -3.56 -11.58
CA ALA A 45 9.30 -2.60 -10.49
C ALA A 45 10.49 -1.65 -10.49
N GLN A 46 11.68 -2.17 -10.73
CA GLN A 46 12.89 -1.35 -10.77
C GLN A 46 12.79 -0.34 -11.90
N GLU A 47 12.21 -0.76 -13.03
CA GLU A 47 12.05 0.12 -14.19
C GLU A 47 11.11 1.29 -13.91
N VAL A 48 9.96 1.00 -13.33
CA VAL A 48 9.00 2.06 -13.05
C VAL A 48 9.57 2.98 -11.96
N TYR A 49 10.31 2.40 -11.02
CA TYR A 49 10.92 3.18 -9.95
C TYR A 49 11.93 4.15 -10.55
N GLU A 50 12.79 3.64 -11.43
CA GLU A 50 13.79 4.48 -12.08
C GLU A 50 13.16 5.55 -12.94
N MET A 51 12.06 5.18 -13.60
CA MET A 51 11.32 6.08 -14.47
C MET A 51 10.80 7.27 -13.68
N ASN A 52 10.48 7.05 -12.41
CA ASN A 52 9.94 8.08 -11.54
C ASN A 52 10.91 8.77 -10.59
N PHE A 53 11.96 8.07 -10.18
CA PHE A 53 12.94 8.65 -9.27
C PHE A 53 14.35 8.75 -9.85
N GLY A 54 14.56 8.14 -11.01
CA GLY A 54 15.87 8.22 -11.65
C GLY A 54 16.97 7.32 -11.13
N GLU A 55 16.62 6.36 -10.28
CA GLU A 55 17.62 5.45 -9.74
C GLU A 55 17.08 4.02 -9.80
N LYS A 56 17.92 3.00 -9.96
N LYS A 56 17.99 3.06 -9.89
CA LYS A 56 17.48 1.59 -9.95
CA LYS A 56 17.59 1.65 -9.92
C LYS A 56 17.74 1.10 -8.55
C LYS A 56 17.81 1.08 -8.53
N PRO A 57 16.73 0.65 -7.84
CA PRO A 57 16.89 0.09 -6.50
C PRO A 57 17.87 -1.08 -6.52
N GLU A 58 18.50 -1.37 -5.38
CA GLU A 58 19.42 -2.50 -5.32
C GLU A 58 18.55 -3.77 -5.34
N GLY A 59 19.16 -4.89 -5.72
CA GLY A 59 18.42 -6.15 -5.80
C GLY A 59 18.34 -6.96 -4.53
N ASP A 60 17.84 -8.20 -4.67
CA ASP A 60 17.65 -9.15 -3.56
C ASP A 60 18.21 -8.70 -2.21
N ILE A 61 17.31 -8.30 -1.31
CA ILE A 61 17.69 -7.83 0.01
C ILE A 61 18.31 -8.92 0.88
N THR A 62 17.95 -10.18 0.64
CA THR A 62 18.50 -11.27 1.45
C THR A 62 19.99 -11.47 1.18
N GLN A 63 20.51 -10.82 0.12
CA GLN A 63 21.91 -10.95 -0.23
C GLN A 63 22.70 -9.66 0.01
N VAL A 64 22.06 -8.67 0.61
CA VAL A 64 22.71 -7.39 0.89
C VAL A 64 23.30 -7.36 2.30
N ASN A 65 24.56 -6.94 2.42
CA ASN A 65 25.21 -6.85 3.71
C ASN A 65 24.62 -5.63 4.42
N GLU A 66 23.83 -5.86 5.47
CA GLU A 66 23.19 -4.77 6.18
C GLU A 66 24.15 -3.64 6.56
N LYS A 67 25.43 -3.97 6.68
CA LYS A 67 26.44 -2.96 7.04
C LYS A 67 26.75 -1.99 5.90
N THR A 68 26.37 -2.37 4.68
CA THR A 68 26.61 -1.54 3.52
C THR A 68 25.50 -0.52 3.33
N ILE A 69 24.38 -0.72 4.03
CA ILE A 69 23.24 0.18 3.92
C ILE A 69 23.56 1.50 4.63
N PRO A 70 23.28 2.64 3.96
CA PRO A 70 23.52 3.99 4.50
C PRO A 70 22.82 4.24 5.83
N ASP A 71 23.41 5.10 6.66
CA ASP A 71 22.81 5.44 7.94
C ASP A 71 21.50 6.16 7.63
N HIS A 72 20.48 5.97 8.46
CA HIS A 72 19.20 6.61 8.22
C HIS A 72 18.41 6.73 9.51
N ASP A 73 17.35 7.55 9.46
CA ASP A 73 16.51 7.80 10.62
C ASP A 73 15.24 6.98 10.63
N ILE A 74 14.72 6.68 9.44
CA ILE A 74 13.48 5.92 9.30
C ILE A 74 13.62 4.81 8.25
N LEU A 75 13.23 3.60 8.65
CA LEU A 75 13.27 2.46 7.74
C LEU A 75 11.85 2.17 7.30
N CYS A 76 11.62 2.21 5.99
CA CYS A 76 10.30 1.94 5.42
C CYS A 76 10.27 0.58 4.76
N ALA A 77 9.23 -0.19 5.03
CA ALA A 77 9.12 -1.52 4.45
C ALA A 77 7.73 -2.11 4.36
N GLY A 78 7.16 -2.10 3.16
CA GLY A 78 5.88 -2.74 2.95
C GLY A 78 6.34 -4.10 2.45
N PHE A 79 6.67 -5.00 3.37
CA PHE A 79 7.16 -6.32 2.97
C PHE A 79 6.07 -7.24 2.42
N PRO A 80 6.47 -8.26 1.63
CA PRO A 80 5.57 -9.24 1.00
C PRO A 80 4.43 -9.76 1.86
N CYS A 81 3.23 -9.82 1.28
CA CYS A 81 2.08 -10.31 2.01
C CYS A 81 1.42 -11.56 1.43
N GLN A 82 1.93 -12.11 0.33
CA GLN A 82 1.29 -13.30 -0.26
C GLN A 82 1.15 -14.46 0.74
N ALA A 83 2.12 -14.62 1.63
CA ALA A 83 2.12 -15.69 2.62
C ALA A 83 1.20 -15.46 3.83
N PHE A 84 0.57 -14.30 3.88
CA PHE A 84 -0.32 -13.97 5.00
C PHE A 84 -1.73 -13.57 4.56
N SER A 85 -1.95 -13.53 3.25
CA SER A 85 -3.25 -13.15 2.69
C SER A 85 -4.28 -14.25 2.82
N ILE A 86 -5.53 -13.87 3.03
CA ILE A 86 -6.63 -14.83 3.14
C ILE A 86 -6.85 -15.47 1.76
N SER A 87 -6.45 -14.77 0.71
CA SER A 87 -6.61 -15.27 -0.67
C SER A 87 -5.61 -16.39 -1.01
N GLY A 88 -4.56 -16.51 -0.21
CA GLY A 88 -3.54 -17.51 -0.45
C GLY A 88 -3.58 -18.75 0.44
N LYS A 89 -2.41 -19.38 0.58
CA LYS A 89 -2.30 -20.60 1.39
C LYS A 89 -1.98 -20.32 2.85
N GLN A 90 -1.63 -19.08 3.15
CA GLN A 90 -1.30 -18.65 4.50
C GLN A 90 -0.19 -19.43 5.21
N LYS A 91 0.85 -19.79 4.46
CA LYS A 91 1.96 -20.54 5.06
C LYS A 91 2.86 -19.67 5.93
N GLY A 92 2.66 -18.36 5.89
CA GLY A 92 3.45 -17.46 6.71
C GLY A 92 4.96 -17.60 6.64
N PHE A 93 5.61 -17.74 7.79
CA PHE A 93 7.06 -17.87 7.87
C PHE A 93 7.60 -19.13 7.21
N GLU A 94 6.71 -20.05 6.87
CA GLU A 94 7.11 -21.29 6.19
C GLU A 94 7.10 -21.14 4.68
N ASP A 95 6.81 -19.93 4.20
CA ASP A 95 6.77 -19.62 2.78
C ASP A 95 8.05 -18.84 2.48
N SER A 96 8.67 -19.11 1.33
CA SER A 96 9.90 -18.43 0.93
C SER A 96 9.72 -16.91 0.89
N ARG A 97 8.49 -16.49 0.61
CA ARG A 97 8.16 -15.07 0.52
C ARG A 97 7.63 -14.53 1.86
N GLY A 98 7.63 -15.37 2.89
CA GLY A 98 7.12 -14.96 4.18
C GLY A 98 8.16 -14.71 5.27
N THR A 99 9.44 -14.77 4.93
CA THR A 99 10.47 -14.56 5.94
C THR A 99 11.23 -13.26 5.73
N LEU A 100 10.73 -12.38 4.88
CA LEU A 100 11.44 -11.12 4.63
C LEU A 100 11.49 -10.22 5.86
N PHE A 101 10.55 -10.37 6.77
CA PHE A 101 10.57 -9.55 7.98
C PHE A 101 11.90 -9.73 8.74
N PHE A 102 12.41 -10.95 8.75
CA PHE A 102 13.64 -11.22 9.46
C PHE A 102 14.85 -10.53 8.83
N ASP A 103 14.71 -10.13 7.57
CA ASP A 103 15.79 -9.41 6.90
C ASP A 103 15.71 -7.97 7.38
N ILE A 104 14.48 -7.51 7.60
CA ILE A 104 14.26 -6.17 8.11
C ILE A 104 14.90 -6.12 9.50
N ALA A 105 14.57 -7.10 10.34
CA ALA A 105 15.11 -7.17 11.70
C ALA A 105 16.64 -7.16 11.68
N ARG A 106 17.22 -7.88 10.71
CA ARG A 106 18.67 -7.95 10.57
C ARG A 106 19.25 -6.57 10.26
N ILE A 107 18.55 -5.81 9.43
CA ILE A 107 19.01 -4.47 9.05
C ILE A 107 18.83 -3.50 10.22
N VAL A 108 17.72 -3.64 10.95
CA VAL A 108 17.45 -2.78 12.11
C VAL A 108 18.49 -3.02 13.22
N ARG A 109 18.79 -4.28 13.48
CA ARG A 109 19.76 -4.64 14.50
C ARG A 109 21.10 -3.95 14.25
N GLU A 110 21.47 -3.79 12.98
CA GLU A 110 22.72 -3.17 12.61
C GLU A 110 22.70 -1.64 12.46
N LYS A 111 21.64 -1.11 11.85
CA LYS A 111 21.54 0.33 11.62
C LYS A 111 20.83 1.13 12.70
N LYS A 112 20.00 0.47 13.50
CA LYS A 112 19.29 1.14 14.59
C LYS A 112 18.71 2.52 14.25
N PRO A 113 17.78 2.58 13.29
CA PRO A 113 17.18 3.87 12.93
C PRO A 113 16.22 4.33 14.03
N LYS A 114 15.89 5.61 14.03
CA LYS A 114 14.97 6.14 15.03
C LYS A 114 13.60 5.49 14.87
N VAL A 115 13.18 5.31 13.63
CA VAL A 115 11.86 4.73 13.37
C VAL A 115 11.87 3.59 12.35
N VAL A 116 10.99 2.61 12.57
CA VAL A 116 10.80 1.49 11.65
C VAL A 116 9.32 1.59 11.30
N PHE A 117 9.05 1.84 10.02
CA PHE A 117 7.69 2.04 9.52
C PHE A 117 7.36 0.90 8.54
N MET A 118 6.58 -0.08 9.01
CA MET A 118 6.23 -1.23 8.17
C MET A 118 4.75 -1.28 7.83
N GLU A 119 4.42 -2.07 6.81
CA GLU A 119 3.04 -2.22 6.35
C GLU A 119 2.83 -3.62 5.78
N ASN A 120 1.65 -4.18 6.00
CA ASN A 120 1.31 -5.50 5.47
C ASN A 120 -0.21 -5.56 5.36
N VAL A 121 -0.73 -6.72 4.96
CA VAL A 121 -2.16 -6.89 4.79
C VAL A 121 -2.87 -7.04 6.14
N LYS A 122 -4.14 -6.68 6.19
CA LYS A 122 -4.94 -6.77 7.42
C LYS A 122 -4.86 -8.13 8.10
N ASN A 123 -4.97 -9.21 7.33
CA ASN A 123 -4.94 -10.55 7.90
C ASN A 123 -3.64 -10.83 8.64
N PHE A 124 -2.62 -10.01 8.39
CA PHE A 124 -1.34 -10.19 9.07
C PHE A 124 -1.55 -10.09 10.58
N ALA A 125 -2.54 -9.29 10.98
CA ALA A 125 -2.84 -9.10 12.39
C ALA A 125 -3.37 -10.36 13.07
N SER A 126 -4.10 -11.19 12.35
CA SER A 126 -4.65 -12.39 12.96
C SER A 126 -4.12 -13.70 12.37
N HIS A 127 -3.13 -13.62 11.48
CA HIS A 127 -2.56 -14.81 10.88
C HIS A 127 -2.02 -15.73 11.97
N ASP A 128 -2.27 -17.03 11.83
CA ASP A 128 -1.79 -18.00 12.79
C ASP A 128 -2.16 -17.62 14.22
N ASN A 129 -3.46 -17.47 14.47
CA ASN A 129 -3.97 -17.13 15.80
C ASN A 129 -3.23 -15.95 16.41
N GLY A 130 -2.88 -14.96 15.60
CA GLY A 130 -2.19 -13.79 16.12
C GLY A 130 -0.73 -14.01 16.47
N ASN A 131 -0.24 -15.23 16.32
CA ASN A 131 1.15 -15.53 16.64
C ASN A 131 2.15 -14.77 15.75
N THR A 132 1.78 -14.56 14.50
CA THR A 132 2.65 -13.85 13.56
C THR A 132 2.89 -12.39 13.98
N LEU A 133 1.83 -11.68 14.35
CA LEU A 133 1.98 -10.29 14.78
C LEU A 133 2.82 -10.26 16.04
N GLU A 134 2.55 -11.20 16.95
CA GLU A 134 3.27 -11.28 18.23
C GLU A 134 4.78 -11.46 18.01
N VAL A 135 5.15 -12.25 16.99
CA VAL A 135 6.57 -12.46 16.69
C VAL A 135 7.24 -11.16 16.27
N VAL A 136 6.55 -10.37 15.45
CA VAL A 136 7.12 -9.10 15.00
C VAL A 136 7.25 -8.18 16.22
N LYS A 137 6.21 -8.13 17.04
CA LYS A 137 6.22 -7.28 18.23
C LYS A 137 7.41 -7.64 19.12
N ASN A 138 7.50 -8.92 19.49
CA ASN A 138 8.59 -9.38 20.34
C ASN A 138 9.94 -9.06 19.73
N THR A 139 10.07 -9.30 18.44
CA THR A 139 11.32 -9.03 17.75
C THR A 139 11.68 -7.54 17.87
N MET A 140 10.70 -6.66 17.60
CA MET A 140 10.94 -5.23 17.68
C MET A 140 11.29 -4.80 19.10
N ASN A 141 10.56 -5.32 20.08
CA ASN A 141 10.83 -4.98 21.46
C ASN A 141 12.25 -5.42 21.87
N GLU A 142 12.63 -6.63 21.46
CA GLU A 142 13.95 -7.14 21.79
C GLU A 142 15.04 -6.33 21.09
N LEU A 143 14.66 -5.61 20.05
CA LEU A 143 15.60 -4.76 19.32
C LEU A 143 15.61 -3.38 19.99
N ASP A 144 14.81 -3.26 21.04
CA ASP A 144 14.69 -2.04 21.83
C ASP A 144 13.82 -0.96 21.16
N TYR A 145 12.65 -1.36 20.68
CA TYR A 145 11.71 -0.44 20.05
C TYR A 145 10.32 -0.63 20.62
N SER A 146 9.53 0.42 20.55
CA SER A 146 8.14 0.33 21.00
C SER A 146 7.45 -0.25 19.78
N PHE A 147 6.20 -0.68 19.93
CA PHE A 147 5.48 -1.27 18.81
C PHE A 147 4.03 -0.80 18.76
N HIS A 148 3.72 0.00 17.74
CA HIS A 148 2.37 0.52 17.55
C HIS A 148 1.83 -0.08 16.26
N ALA A 149 0.79 -0.90 16.37
CA ALA A 149 0.21 -1.53 15.20
C ALA A 149 -1.29 -1.30 15.13
N LYS A 150 -1.79 -0.97 13.95
CA LYS A 150 -3.21 -0.76 13.78
C LYS A 150 -3.63 -0.99 12.34
N VAL A 151 -4.81 -1.59 12.17
CA VAL A 151 -5.33 -1.83 10.85
C VAL A 151 -6.13 -0.59 10.45
N LEU A 152 -5.80 0.00 9.30
CA LEU A 152 -6.51 1.17 8.82
C LEU A 152 -7.15 0.88 7.46
N ASN A 153 -8.34 1.42 7.26
CA ASN A 153 -9.08 1.25 6.01
C ASN A 153 -8.96 2.55 5.21
N ALA A 154 -8.50 2.46 3.96
CA ALA A 154 -8.32 3.64 3.12
C ALA A 154 -9.56 4.53 3.01
N LEU A 155 -10.74 3.95 3.06
CA LEU A 155 -11.99 4.71 2.93
C LEU A 155 -12.17 5.74 4.05
N ASP A 156 -11.47 5.56 5.17
CA ASP A 156 -11.56 6.49 6.29
C ASP A 156 -10.60 7.66 6.17
N TYR A 157 -9.78 7.64 5.13
CA TYR A 157 -8.81 8.70 4.93
C TYR A 157 -8.84 9.39 3.57
N GLY A 158 -10.06 9.54 3.03
CA GLY A 158 -10.23 10.23 1.76
C GLY A 158 -9.98 9.48 0.48
N ILE A 159 -9.78 8.17 0.54
CA ILE A 159 -9.52 7.38 -0.66
C ILE A 159 -10.71 6.45 -0.86
N PRO A 160 -11.33 6.48 -2.05
CA PRO A 160 -12.48 5.63 -2.33
C PRO A 160 -12.14 4.17 -2.69
N GLN A 161 -11.61 3.45 -1.71
CA GLN A 161 -11.25 2.05 -1.90
C GLN A 161 -11.32 1.34 -0.56
N LYS A 162 -11.94 0.16 -0.53
CA LYS A 162 -12.00 -0.59 0.71
C LYS A 162 -10.74 -1.43 0.76
N ARG A 163 -9.67 -0.85 1.31
CA ARG A 163 -8.40 -1.56 1.40
C ARG A 163 -7.89 -1.47 2.83
N GLU A 164 -7.99 -2.58 3.55
CA GLU A 164 -7.55 -2.62 4.93
C GLU A 164 -6.14 -3.22 5.02
N ARG A 165 -5.24 -2.49 5.65
CA ARG A 165 -3.86 -2.92 5.80
C ARG A 165 -3.44 -2.67 7.23
N ILE A 166 -2.40 -3.36 7.68
CA ILE A 166 -1.91 -3.16 9.03
C ILE A 166 -0.70 -2.26 8.87
N TYR A 167 -0.59 -1.27 9.77
CA TYR A 167 0.51 -0.33 9.76
C TYR A 167 1.24 -0.48 11.09
N MET A 168 2.55 -0.67 11.03
CA MET A 168 3.35 -0.87 12.23
C MET A 168 4.44 0.20 12.34
N ILE A 169 4.35 1.01 13.40
CA ILE A 169 5.30 2.08 13.64
C ILE A 169 6.07 1.75 14.91
N CYS A 170 7.40 1.77 14.82
CA CYS A 170 8.23 1.45 15.98
C CYS A 170 9.24 2.57 16.25
N PHE A 171 9.30 3.00 17.50
CA PHE A 171 10.21 4.06 17.91
C PHE A 171 11.32 3.49 18.79
N ARG A 172 12.55 3.90 18.54
CA ARG A 172 13.66 3.41 19.34
C ARG A 172 13.37 3.88 20.76
N ASN A 173 13.51 3.00 21.73
CA ASN A 173 13.19 3.32 23.12
C ASN A 173 13.86 4.55 23.72
N ASP A 174 15.14 4.77 23.43
CA ASP A 174 15.82 5.93 24.00
C ASP A 174 15.18 7.26 23.62
N LEU A 175 14.39 7.26 22.54
CA LEU A 175 13.71 8.48 22.07
C LEU A 175 12.54 8.83 22.96
N ASN A 176 12.10 7.85 23.74
CA ASN A 176 10.99 8.05 24.67
C ASN A 176 9.76 8.72 24.04
N ILE A 177 9.34 8.20 22.89
CA ILE A 177 8.17 8.75 22.20
C ILE A 177 6.94 8.17 22.88
N GLN A 178 6.14 9.04 23.50
CA GLN A 178 4.94 8.60 24.21
C GLN A 178 3.64 9.15 23.63
N ASN A 179 3.73 9.94 22.56
CA ASN A 179 2.53 10.55 22.00
C ASN A 179 2.21 10.21 20.55
N PHE A 180 2.73 9.10 20.05
CA PHE A 180 2.40 8.76 18.67
C PHE A 180 0.96 8.33 18.61
N GLN A 181 0.26 8.77 17.58
CA GLN A 181 -1.13 8.38 17.41
C GLN A 181 -1.42 8.14 15.94
N PHE A 182 -2.25 7.14 15.67
CA PHE A 182 -2.64 6.83 14.31
C PHE A 182 -3.64 7.92 13.91
N PRO A 183 -3.66 8.30 12.63
CA PRO A 183 -4.57 9.33 12.14
C PRO A 183 -6.01 9.00 12.47
N LYS A 184 -6.81 10.02 12.76
CA LYS A 184 -8.21 9.82 13.08
C LYS A 184 -8.98 9.83 11.77
N PRO A 185 -9.96 8.93 11.63
CA PRO A 185 -10.77 8.85 10.41
C PRO A 185 -11.61 10.10 10.17
N PHE A 186 -11.96 10.31 8.91
CA PHE A 186 -12.81 11.43 8.55
C PHE A 186 -13.73 11.00 7.42
N GLU A 187 -14.83 11.74 7.27
CA GLU A 187 -15.83 11.43 6.25
C GLU A 187 -15.29 11.41 4.83
N LEU A 188 -15.65 10.37 4.08
CA LEU A 188 -15.23 10.22 2.69
C LEU A 188 -16.13 11.08 1.80
N ASN A 189 -15.51 11.89 0.93
CA ASN A 189 -16.26 12.78 0.05
C ASN A 189 -16.00 12.53 -1.44
N THR A 190 -15.24 11.47 -1.73
CA THR A 190 -14.91 11.13 -3.11
C THR A 190 -15.25 9.67 -3.35
N PHE A 191 -15.74 9.36 -4.55
CA PHE A 191 -16.10 7.99 -4.87
C PHE A 191 -15.49 7.56 -6.19
N VAL A 192 -15.65 6.28 -6.53
CA VAL A 192 -15.06 5.77 -7.76
C VAL A 192 -15.36 6.60 -9.01
N LYS A 193 -16.61 6.96 -9.22
CA LYS A 193 -16.95 7.74 -10.39
C LYS A 193 -16.22 9.08 -10.48
N ASP A 194 -15.67 9.55 -9.37
CA ASP A 194 -14.93 10.81 -9.35
C ASP A 194 -13.50 10.67 -9.86
N LEU A 195 -13.01 9.43 -9.96
CA LEU A 195 -11.64 9.20 -10.41
C LEU A 195 -11.56 8.62 -11.80
N LEU A 196 -12.69 8.27 -12.39
CA LEU A 196 -12.71 7.66 -13.72
C LEU A 196 -12.25 8.58 -14.84
N LEU A 197 -11.64 7.98 -15.86
CA LEU A 197 -11.17 8.69 -17.04
C LEU A 197 -12.35 8.77 -18.00
N PRO A 198 -12.24 9.59 -19.07
CA PRO A 198 -13.34 9.70 -20.05
C PRO A 198 -13.51 8.36 -20.76
N ASP A 199 -14.74 8.06 -21.18
CA ASP A 199 -15.03 6.80 -21.87
C ASP A 199 -14.14 6.54 -23.07
N SER A 200 -13.82 7.58 -23.83
CA SER A 200 -13.00 7.45 -25.02
C SER A 200 -11.59 6.92 -24.76
N GLU A 201 -11.18 6.96 -23.50
CA GLU A 201 -9.85 6.49 -23.13
C GLU A 201 -9.81 5.09 -22.53
N VAL A 202 -10.97 4.46 -22.37
CA VAL A 202 -11.02 3.14 -21.75
C VAL A 202 -11.94 2.15 -22.46
N GLU A 203 -12.21 2.40 -23.74
CA GLU A 203 -13.08 1.50 -24.51
C GLU A 203 -12.53 0.09 -24.58
N HIS A 204 -11.21 -0.01 -24.64
CA HIS A 204 -10.52 -1.29 -24.72
C HIS A 204 -10.64 -2.12 -23.44
N LEU A 205 -11.13 -1.50 -22.38
CA LEU A 205 -11.28 -2.18 -21.09
C LEU A 205 -12.68 -2.73 -20.89
N VAL A 206 -13.57 -2.40 -21.82
CA VAL A 206 -14.94 -2.87 -21.76
C VAL A 206 -15.01 -4.37 -22.02
N ILE A 207 -15.79 -5.06 -21.21
CA ILE A 207 -15.94 -6.50 -21.33
C ILE A 207 -17.42 -6.81 -21.43
N ASP A 208 -17.80 -7.57 -22.45
CA ASP A 208 -19.19 -7.94 -22.64
C ASP A 208 -19.35 -9.44 -22.50
N ARG A 209 -19.64 -9.88 -21.28
CA ARG A 209 -19.82 -11.28 -20.98
C ARG A 209 -21.29 -11.64 -21.06
N LYS A 210 -21.61 -12.68 -21.83
CA LYS A 210 -22.99 -13.08 -21.97
C LYS A 210 -23.46 -13.94 -20.81
N ASP A 211 -22.60 -14.11 -19.80
CA ASP A 211 -22.96 -14.88 -18.62
C ASP A 211 -23.06 -13.95 -17.41
N LEU A 212 -23.18 -12.65 -17.69
CA LEU A 212 -23.31 -11.63 -16.66
C LEU A 212 -24.66 -11.74 -15.97
N VAL A 213 -24.62 -11.80 -14.64
CA VAL A 213 -25.83 -11.88 -13.84
C VAL A 213 -25.93 -10.68 -12.88
N MET A 214 -26.76 -9.70 -13.20
CA MET A 214 -26.92 -8.53 -12.34
C MET A 214 -27.67 -8.97 -11.08
N THR A 215 -27.05 -8.75 -9.92
CA THR A 215 -27.66 -9.16 -8.66
C THR A 215 -28.29 -8.04 -7.86
N ASN A 216 -28.04 -6.79 -8.25
CA ASN A 216 -28.59 -5.63 -7.54
C ASN A 216 -28.75 -4.45 -8.48
N GLN A 217 -29.66 -3.54 -8.11
CA GLN A 217 -29.91 -2.34 -8.92
C GLN A 217 -28.82 -1.30 -8.68
N GLU A 218 -28.51 -0.53 -9.71
CA GLU A 218 -27.51 0.52 -9.59
C GLU A 218 -28.00 1.53 -8.56
N ILE A 219 -27.08 2.24 -7.93
CA ILE A 219 -27.46 3.23 -6.95
C ILE A 219 -27.16 4.63 -7.47
N GLU A 220 -27.98 5.60 -7.08
CA GLU A 220 -27.79 6.98 -7.50
C GLU A 220 -27.08 7.78 -6.41
N GLN A 221 -27.10 7.75 -5.32
CA GLN A 221 -26.59 8.27 -4.06
C GLN A 221 -25.25 7.62 -3.71
N THR A 222 -24.27 8.23 -3.63
CA THR A 222 -22.92 7.74 -3.34
C THR A 222 -22.88 7.18 -1.93
N THR A 223 -22.06 6.16 -1.71
CA THR A 223 -21.96 5.54 -0.39
C THR A 223 -20.52 5.10 -0.14
N PRO A 224 -20.04 5.21 1.11
CA PRO A 224 -18.67 4.83 1.45
C PRO A 224 -18.46 3.33 1.67
N LYS A 225 -18.92 2.53 0.72
CA LYS A 225 -18.76 1.08 0.81
C LYS A 225 -18.81 0.45 -0.59
N THR A 226 -18.35 -0.80 -0.69
CA THR A 226 -18.38 -1.49 -1.98
C THR A 226 -19.81 -1.94 -2.22
N VAL A 227 -20.31 -1.70 -3.42
CA VAL A 227 -21.66 -2.07 -3.79
C VAL A 227 -21.64 -3.02 -4.98
N ARG A 228 -21.84 -4.31 -4.73
CA ARG A 228 -21.82 -5.27 -5.83
C ARG A 228 -23.12 -5.22 -6.64
N LEU A 229 -22.97 -5.14 -7.96
CA LEU A 229 -24.13 -5.05 -8.84
C LEU A 229 -24.35 -6.33 -9.62
N GLY A 230 -23.30 -7.13 -9.76
CA GLY A 230 -23.45 -8.37 -10.50
C GLY A 230 -22.22 -9.24 -10.52
N ILE A 231 -22.35 -10.43 -11.11
CA ILE A 231 -21.25 -11.35 -11.23
C ILE A 231 -21.18 -11.98 -12.61
N VAL A 232 -19.99 -12.50 -12.91
CA VAL A 232 -19.71 -13.16 -14.18
C VAL A 232 -19.21 -14.55 -13.78
N GLY A 233 -19.33 -15.52 -14.68
CA GLY A 233 -18.88 -16.86 -14.34
C GLY A 233 -19.42 -17.36 -13.02
N LYS A 234 -18.55 -17.83 -12.13
CA LYS A 234 -18.98 -18.32 -10.82
C LYS A 234 -18.85 -17.28 -9.71
N GLY A 235 -18.62 -16.02 -10.08
CA GLY A 235 -18.50 -14.97 -9.09
C GLY A 235 -17.27 -15.06 -8.21
N GLY A 236 -16.19 -15.63 -8.73
CA GLY A 236 -14.98 -15.74 -7.93
C GLY A 236 -14.23 -14.42 -8.01
N GLN A 237 -13.01 -14.38 -7.49
CA GLN A 237 -12.24 -13.14 -7.54
C GLN A 237 -12.02 -12.75 -8.99
N GLY A 238 -12.31 -11.50 -9.32
CA GLY A 238 -12.15 -11.03 -10.68
C GLY A 238 -13.37 -11.26 -11.54
N GLU A 239 -14.44 -11.76 -10.93
CA GLU A 239 -15.68 -12.02 -11.66
C GLU A 239 -16.84 -11.31 -10.96
N ARG A 240 -16.54 -10.19 -10.32
CA ARG A 240 -17.53 -9.42 -9.59
C ARG A 240 -17.58 -8.00 -10.11
N ILE A 241 -18.78 -7.48 -10.26
CA ILE A 241 -18.97 -6.14 -10.78
C ILE A 241 -19.58 -5.23 -9.72
N TYR A 242 -18.99 -4.05 -9.57
CA TYR A 242 -19.44 -3.10 -8.56
C TYR A 242 -19.90 -1.75 -9.10
N SER A 243 -20.52 -0.97 -8.23
CA SER A 243 -21.00 0.36 -8.59
C SER A 243 -19.92 1.42 -8.40
N THR A 244 -19.84 2.33 -9.37
CA THR A 244 -18.88 3.42 -9.30
C THR A 244 -19.37 4.50 -8.32
N ARG A 245 -20.59 4.34 -7.80
CA ARG A 245 -21.13 5.31 -6.84
C ARG A 245 -20.74 4.91 -5.42
N GLY A 246 -20.08 3.75 -5.30
CA GLY A 246 -19.60 3.30 -4.00
C GLY A 246 -18.08 3.47 -4.03
N ILE A 247 -17.37 2.65 -3.27
CA ILE A 247 -15.91 2.75 -3.27
C ILE A 247 -15.33 1.54 -4.00
N ALA A 248 -14.06 1.63 -4.38
CA ALA A 248 -13.39 0.58 -5.13
C ALA A 248 -13.08 -0.68 -4.34
N ILE A 249 -13.24 -1.83 -5.01
CA ILE A 249 -12.93 -3.12 -4.42
C ILE A 249 -11.38 -3.13 -4.35
N GLY A 250 -10.82 -3.79 -3.35
CA GLY A 250 -9.37 -3.81 -3.23
C GLY A 250 -8.62 -4.30 -4.46
N LEU A 251 -7.66 -3.51 -4.95
CA LEU A 251 -6.86 -3.88 -6.10
C LEU A 251 -6.02 -5.11 -5.74
N SER A 252 -5.72 -5.95 -6.72
CA SER A 252 -4.96 -7.17 -6.47
C SER A 252 -3.74 -7.29 -7.37
N ALA A 253 -2.68 -7.92 -6.84
CA ALA A 253 -1.44 -8.09 -7.59
C ALA A 253 -1.39 -9.39 -8.37
N TYR A 254 -1.81 -10.48 -7.72
CA TYR A 254 -1.78 -11.80 -8.34
C TYR A 254 -3.16 -12.36 -8.63
N GLY A 255 -4.18 -11.51 -8.51
CA GLY A 255 -5.55 -11.96 -8.74
C GLY A 255 -5.90 -12.32 -10.18
N GLY A 256 -6.88 -13.20 -10.32
CA GLY A 256 -7.32 -13.64 -11.64
C GLY A 256 -8.73 -13.19 -11.96
N GLY A 257 -9.37 -13.88 -12.89
CA GLY A 257 -10.72 -13.53 -13.31
C GLY A 257 -10.67 -12.64 -14.54
N ILE A 258 -11.79 -12.57 -15.27
CA ILE A 258 -11.86 -11.75 -16.46
C ILE A 258 -11.64 -10.27 -16.14
N PHE A 259 -11.94 -9.87 -14.90
CA PHE A 259 -11.75 -8.49 -14.44
C PHE A 259 -10.58 -8.48 -13.47
N ALA A 260 -9.56 -9.27 -13.78
CA ALA A 260 -8.37 -9.41 -12.94
C ALA A 260 -7.75 -8.11 -12.45
N LYS A 261 -7.23 -8.16 -11.23
CA LYS A 261 -6.54 -7.04 -10.58
C LYS A 261 -7.36 -5.83 -10.16
N THR A 262 -8.34 -5.44 -10.95
CA THR A 262 -9.12 -4.26 -10.63
C THR A 262 -10.57 -4.50 -10.26
N GLY A 263 -11.13 -5.62 -10.74
CA GLY A 263 -12.53 -5.91 -10.48
C GLY A 263 -13.29 -5.21 -11.61
N GLY A 264 -14.57 -5.51 -11.77
CA GLY A 264 -15.33 -4.88 -12.83
C GLY A 264 -16.26 -3.79 -12.32
N TYR A 265 -16.56 -2.80 -13.16
CA TYR A 265 -17.45 -1.70 -12.77
C TYR A 265 -18.48 -1.37 -13.83
N LEU A 266 -19.66 -0.97 -13.38
CA LEU A 266 -20.72 -0.58 -14.31
C LEU A 266 -20.51 0.89 -14.63
N VAL A 267 -20.17 1.19 -15.88
CA VAL A 267 -19.94 2.55 -16.29
C VAL A 267 -20.78 2.86 -17.53
N ASN A 268 -21.71 3.79 -17.40
CA ASN A 268 -22.56 4.18 -18.52
C ASN A 268 -23.19 2.99 -19.25
N GLY A 269 -23.72 2.03 -18.50
CA GLY A 269 -24.37 0.89 -19.13
C GLY A 269 -23.49 -0.25 -19.58
N LYS A 270 -22.18 -0.12 -19.46
CA LYS A 270 -21.26 -1.18 -19.86
C LYS A 270 -20.45 -1.64 -18.65
N THR A 271 -19.90 -2.85 -18.72
CA THR A 271 -19.08 -3.36 -17.63
C THR A 271 -17.61 -3.37 -18.07
N ARG A 272 -16.73 -2.78 -17.27
CA ARG A 272 -15.32 -2.74 -17.60
C ARG A 272 -14.42 -2.77 -16.37
N LYS A 273 -13.16 -3.11 -16.58
CA LYS A 273 -12.23 -3.09 -15.47
C LYS A 273 -11.58 -1.71 -15.51
N LEU A 274 -10.75 -1.42 -14.52
CA LEU A 274 -10.11 -0.12 -14.45
C LEU A 274 -8.85 -0.03 -15.28
N HIS A 275 -8.52 1.21 -15.65
CA HIS A 275 -7.33 1.55 -16.42
C HIS A 275 -6.20 1.74 -15.40
N PRO A 276 -4.94 1.45 -15.81
CA PRO A 276 -3.82 1.61 -14.86
C PRO A 276 -3.80 2.99 -14.18
N ARG A 277 -4.21 4.04 -14.90
CA ARG A 277 -4.21 5.39 -14.33
C ARG A 277 -5.29 5.54 -13.26
N GLU A 278 -6.40 4.82 -13.42
CA GLU A 278 -7.47 4.88 -12.44
C GLU A 278 -7.02 4.08 -11.20
N CYS A 279 -6.24 3.03 -11.42
CA CYS A 279 -5.72 2.23 -10.31
C CYS A 279 -4.79 3.12 -9.49
N ALA A 280 -3.97 3.91 -10.19
CA ALA A 280 -3.03 4.82 -9.56
C ALA A 280 -3.82 5.77 -8.66
N ARG A 281 -4.91 6.32 -9.20
CA ARG A 281 -5.76 7.24 -8.45
C ARG A 281 -6.41 6.59 -7.23
N VAL A 282 -6.92 5.36 -7.34
CA VAL A 282 -7.54 4.75 -6.17
C VAL A 282 -6.51 4.37 -5.11
N MET A 283 -5.23 4.44 -5.46
CA MET A 283 -4.13 4.16 -4.53
C MET A 283 -3.52 5.49 -4.05
N GLY A 284 -4.10 6.60 -4.49
CA GLY A 284 -3.64 7.92 -4.09
C GLY A 284 -2.43 8.47 -4.81
N TYR A 285 -2.04 7.88 -5.92
CA TYR A 285 -0.89 8.35 -6.68
C TYR A 285 -1.27 9.58 -7.51
N PRO A 286 -0.37 10.56 -7.62
CA PRO A 286 -0.66 11.76 -8.40
C PRO A 286 -0.65 11.41 -9.89
N ASP A 287 -1.36 12.19 -10.69
CA ASP A 287 -1.39 11.91 -12.12
C ASP A 287 -0.03 12.13 -12.75
N SER A 288 0.87 12.78 -12.03
CA SER A 288 2.20 13.01 -12.54
C SER A 288 3.06 11.75 -12.45
N TYR A 289 2.61 10.76 -11.67
CA TYR A 289 3.39 9.53 -11.53
C TYR A 289 3.30 8.74 -12.84
N LYS A 290 4.44 8.30 -13.36
CA LYS A 290 4.50 7.57 -14.61
C LYS A 290 4.31 6.07 -14.41
N VAL A 291 3.29 5.50 -15.04
CA VAL A 291 3.02 4.08 -14.89
C VAL A 291 3.87 3.23 -15.84
N HIS A 292 4.15 1.99 -15.43
CA HIS A 292 4.95 1.11 -16.26
C HIS A 292 4.29 0.86 -17.60
N PRO A 293 5.10 0.83 -18.69
CA PRO A 293 4.57 0.60 -20.04
C PRO A 293 3.79 -0.71 -20.22
N SER A 294 4.09 -1.73 -19.41
CA SER A 294 3.37 -2.98 -19.48
C SER A 294 2.16 -2.89 -18.57
N THR A 295 0.96 -2.85 -19.13
CA THR A 295 -0.25 -2.74 -18.33
C THR A 295 -0.37 -3.89 -17.32
N SER A 296 0.07 -5.09 -17.72
CA SER A 296 0.00 -6.23 -16.82
C SER A 296 0.89 -5.98 -15.60
N GLN A 297 2.09 -5.45 -15.83
CA GLN A 297 3.00 -5.15 -14.72
C GLN A 297 2.51 -3.96 -13.90
N ALA A 298 1.88 -2.99 -14.56
CA ALA A 298 1.36 -1.83 -13.85
C ALA A 298 0.23 -2.26 -12.91
N TYR A 299 -0.65 -3.13 -13.40
CA TYR A 299 -1.75 -3.62 -12.56
C TYR A 299 -1.19 -4.37 -11.35
N LYS A 300 -0.13 -5.14 -11.59
CA LYS A 300 0.51 -5.91 -10.52
C LYS A 300 1.11 -4.98 -9.48
N GLN A 301 1.84 -3.97 -9.95
CA GLN A 301 2.49 -3.00 -9.08
C GLN A 301 1.49 -2.25 -8.20
N PHE A 302 0.41 -1.75 -8.80
CA PHE A 302 -0.58 -1.01 -8.01
C PHE A 302 -1.33 -1.92 -7.05
N GLY A 303 -1.53 -3.18 -7.45
CA GLY A 303 -2.22 -4.11 -6.58
C GLY A 303 -1.36 -4.54 -5.40
N ASN A 304 -0.08 -4.21 -5.46
CA ASN A 304 0.91 -4.52 -4.41
C ASN A 304 1.23 -3.29 -3.57
N SER A 305 0.90 -2.13 -4.12
CA SER A 305 1.25 -0.86 -3.51
C SER A 305 0.59 -0.43 -2.19
N VAL A 306 1.02 0.74 -1.72
CA VAL A 306 0.51 1.33 -0.49
C VAL A 306 -0.42 2.47 -0.88
N VAL A 307 -1.30 2.88 0.03
CA VAL A 307 -2.20 4.00 -0.23
C VAL A 307 -1.44 5.21 0.30
N ILE A 308 -0.97 6.04 -0.63
CA ILE A 308 -0.18 7.23 -0.32
C ILE A 308 -0.73 8.13 0.79
N ASN A 309 -1.98 8.55 0.64
CA ASN A 309 -2.61 9.44 1.62
C ASN A 309 -2.49 8.91 3.05
N VAL A 310 -2.79 7.62 3.23
CA VAL A 310 -2.71 7.00 4.54
C VAL A 310 -1.29 7.08 5.10
N LEU A 311 -0.30 6.81 4.25
CA LEU A 311 1.10 6.87 4.69
C LEU A 311 1.49 8.31 5.00
N GLN A 312 0.89 9.26 4.29
CA GLN A 312 1.20 10.67 4.51
C GLN A 312 0.76 11.10 5.90
N TYR A 313 -0.46 10.73 6.28
CA TYR A 313 -0.97 11.10 7.59
C TYR A 313 -0.14 10.47 8.70
N ILE A 314 0.24 9.21 8.50
CA ILE A 314 1.05 8.49 9.49
C ILE A 314 2.43 9.13 9.58
N ALA A 315 3.03 9.43 8.44
CA ALA A 315 4.35 10.03 8.42
C ALA A 315 4.34 11.39 9.11
N TYR A 316 3.28 12.14 8.90
CA TYR A 316 3.12 13.45 9.52
C TYR A 316 3.08 13.28 11.04
N ASN A 317 2.35 12.27 11.50
CA ASN A 317 2.22 12.01 12.93
C ASN A 317 3.53 11.50 13.54
N ILE A 318 4.30 10.74 12.77
CA ILE A 318 5.57 10.24 13.24
C ILE A 318 6.46 11.46 13.45
N GLY A 319 6.47 12.36 12.46
CA GLY A 319 7.26 13.57 12.55
C GLY A 319 6.81 14.45 13.71
N SER A 320 5.51 14.58 13.89
CA SER A 320 4.96 15.39 14.97
C SER A 320 5.48 14.89 16.30
N SER A 321 5.46 13.57 16.50
CA SER A 321 5.95 12.98 17.75
C SER A 321 7.44 13.19 17.92
N LEU A 322 8.21 12.98 16.86
CA LEU A 322 9.65 13.16 16.96
C LEU A 322 10.00 14.62 17.27
N ASN A 323 9.18 15.55 16.80
CA ASN A 323 9.44 16.98 16.99
C ASN A 323 9.00 17.57 18.31
N PHE A 324 8.21 16.84 19.08
CA PHE A 324 7.74 17.32 20.38
C PHE A 324 8.81 16.99 21.41
N LYS A 325 9.70 17.96 21.67
CA LYS A 325 10.77 17.75 22.64
C LYS A 325 10.82 18.93 23.62
N PRO A 326 9.82 19.03 24.50
CA PRO A 326 9.81 20.13 25.47
C PRO A 326 10.90 20.02 26.53
N TYR A 327 11.17 21.14 27.20
CA TYR A 327 12.17 21.19 28.27
C TYR A 327 11.54 20.65 29.55
N1 5CM B 6 -10.26 -19.68 -9.89
C2 5CM B 6 -9.21 -19.17 -9.15
N3 5CM B 6 -9.18 -17.79 -9.08
C4 5CM B 6 -10.08 -16.92 -9.67
C5 5CM B 6 -11.16 -17.51 -10.41
C5A 5CM B 6 -12.18 -16.63 -11.05
C6 5CM B 6 -11.19 -18.85 -10.49
O2 5CM B 6 -8.38 -19.87 -8.60
N4 5CM B 6 -9.92 -15.60 -9.53
C1' 5CM B 6 -10.33 -21.14 -10.02
C2' 5CM B 6 -11.63 -21.80 -9.59
C3' 5CM B 6 -11.58 -23.10 -10.37
C4' 5CM B 6 -10.82 -22.75 -11.64
O4' 5CM B 6 -10.21 -21.46 -11.39
O3' 5CM B 6 -10.82 -24.08 -9.66
C5' 5CM B 6 -11.68 -22.70 -12.88
O5' 5CM B 6 -12.89 -22.02 -12.62
P 5CM B 6 -14.01 -21.98 -13.73
OP1 5CM B 6 -14.59 -23.34 -13.83
OP2 5CM B 6 -14.91 -20.83 -13.46
P 2PR C 6 -6.60 -10.88 1.76
OP1 2PR C 6 -6.65 -11.99 0.77
OP2 2PR C 6 -5.76 -11.02 2.97
O5' 2PR C 6 -6.22 -9.54 0.99
C5' 2PR C 6 -5.01 -9.45 0.24
C4' 2PR C 6 -5.26 -9.80 -1.21
O4' 2PR C 6 -6.28 -8.91 -1.74
C3' 2PR C 6 -4.04 -9.61 -2.11
O3' 2PR C 6 -3.84 -10.70 -2.99
C2' 2PR C 6 -4.28 -8.31 -2.85
C1' 2PR C 6 -5.64 -7.81 -2.37
N9 2PR C 6 -5.44 -6.82 -1.31
C8 2PR C 6 -4.22 -6.40 -0.82
N7 2PR C 6 -4.33 -5.63 0.22
C5 2PR C 6 -5.70 -5.50 0.42
C6 2PR C 6 -6.41 -4.80 1.42
N1 2PR C 6 -7.79 -4.92 1.24
C2 2PR C 6 -8.40 -5.62 0.24
N2 2PR C 6 -9.74 -5.59 0.23
N3 2PR C 6 -7.73 -6.30 -0.70
C4 2PR C 6 -6.40 -6.20 -0.55
N SAH D . 5.21 -0.38 -0.92
CA SAH D . 5.68 -0.83 -2.23
CB SAH D . 5.27 -2.22 -2.71
CG SAH D . 5.62 -3.35 -1.76
SD SAH D . 5.14 -5.03 -2.35
C SAH D . 5.22 0.31 -3.17
O SAH D . 4.61 1.33 -2.73
OXT SAH D . 4.52 -0.02 -4.23
C5' SAH D . 6.64 -5.94 -1.92
C4' SAH D . 7.82 -5.77 -2.85
O4' SAH D . 8.91 -6.52 -2.37
C3' SAH D . 7.60 -6.31 -4.26
O3' SAH D . 7.68 -5.27 -5.26
C2' SAH D . 8.68 -7.38 -4.42
O2' SAH D . 9.20 -7.49 -5.77
C1' SAH D . 9.73 -6.92 -3.45
N9 SAH D . 10.56 -7.99 -2.96
C8 SAH D . 10.13 -9.24 -2.54
N7 SAH D . 11.09 -10.00 -2.13
C5 SAH D . 12.24 -9.23 -2.27
C6 SAH D . 13.63 -9.47 -2.01
N6 SAH D . 14.12 -10.61 -1.54
N1 SAH D . 14.51 -8.47 -2.26
C2 SAH D . 14.08 -7.28 -2.76
N3 SAH D . 12.82 -6.93 -3.05
C4 SAH D . 11.94 -7.98 -2.76
S SO4 E . -17.30 11.18 -20.78
O1 SO4 E . -17.06 9.58 -20.85
O2 SO4 E . -18.71 11.35 -21.01
O3 SO4 E . -16.90 11.63 -19.62
O4 SO4 E . -16.57 11.68 -21.92
S SO4 F . -1.56 15.68 -9.87
O1 SO4 F . -0.78 16.30 -8.58
O2 SO4 F . -2.31 14.55 -9.35
O3 SO4 F . -2.33 16.59 -10.40
O4 SO4 F . -0.46 15.22 -10.68
S SO4 G . 7.71 14.39 -17.25
O1 SO4 G . 7.88 13.04 -16.38
O2 SO4 G . 6.85 14.01 -18.36
O3 SO4 G . 7.19 15.34 -16.52
O4 SO4 G . 9.04 14.64 -17.75
S SO4 H . -9.45 12.80 -16.34
O1 SO4 H . -10.19 11.50 -15.72
O2 SO4 H . -10.19 13.11 -17.54
O3 SO4 H . -9.46 13.77 -15.47
O4 SO4 H . -8.15 12.30 -16.70
S SO4 I . 20.43 9.00 16.19
O1 SO4 I . 21.57 8.08 15.49
O2 SO4 I . 19.19 8.29 15.97
O3 SO4 I . 20.71 9.16 17.45
O4 SO4 I . 20.44 10.19 15.39
S SO4 J . -30.29 5.06 -4.39
O1 SO4 J . -30.61 3.52 -3.97
O2 SO4 J . -31.30 5.85 -3.72
O3 SO4 J . -29.07 5.38 -4.03
O4 SO4 J . -30.55 5.07 -5.81
S SO4 K . 11.36 0.85 -19.78
O1 SO4 K . 12.68 0.55 -18.88
O2 SO4 K . 10.30 1.06 -18.81
O3 SO4 K . 11.54 1.83 -20.60
O4 SO4 K . 11.15 -0.43 -20.41
C1 GOL L . -9.09 3.56 11.54
O1 GOL L . -9.06 4.07 12.88
C2 GOL L . -9.58 2.10 11.59
O2 GOL L . -10.44 1.97 12.70
C3 GOL L . -10.23 1.72 10.33
O3 GOL L . -9.87 2.72 9.30
C1 GOL M . 0.00 19.85 6.78
O1 GOL M . 0.64 21.01 7.37
C2 GOL M . -1.41 20.23 6.36
O2 GOL M . -1.75 21.46 7.01
C3 GOL M . -1.53 20.35 4.91
O3 GOL M . -0.34 21.10 4.42
C1 GOL N . 14.50 20.88 23.80
O1 GOL N . 14.11 20.41 22.50
C2 GOL N . 15.17 19.73 24.56
O2 GOL N . 16.58 19.96 24.57
C3 GOL N . 14.63 19.60 25.91
O3 GOL N . 15.08 18.29 26.45
C1 GOL O . -9.43 -7.43 -7.07
O1 GOL O . -9.49 -6.30 -7.98
C2 GOL O . -10.48 -8.45 -7.51
O2 GOL O . -10.01 -9.75 -7.16
C3 GOL O . -11.78 -8.17 -6.90
O3 GOL O . -12.72 -9.23 -7.35
C1 GOL P . -16.47 6.17 -26.01
O1 GOL P . -17.15 4.91 -26.21
C2 GOL P . -17.38 7.30 -26.52
O2 GOL P . -17.12 8.46 -25.75
C3 GOL P . -17.16 7.54 -27.95
O3 GOL P . -15.91 6.85 -28.35
#